data_7EQW
#
_entry.id   7EQW
#
_cell.length_a   63.292
_cell.length_b   100.808
_cell.length_c   103.414
_cell.angle_alpha   90.000
_cell.angle_beta   90.000
_cell.angle_gamma   90.000
#
_symmetry.space_group_name_H-M   'P 21 21 21'
#
loop_
_entity.id
_entity.type
_entity.pdbx_description
1 polymer 'Capsid protein'
2 branched beta-D-galactopyranose-(1-4)-2-acetamido-2-deoxy-beta-D-glucopyranose-(1-2)-alpha-D-mannopyranose
3 water water
#
_entity_poly.entity_id   1
_entity_poly.type   'polypeptide(L)'
_entity_poly.pdbx_seq_one_letter_code
;GPLGSPEFQKTKPFSVPNLPLNTLSNSRVPSLINAMMISRDHGQMVQFQNGRVTLDGQLQGTTPTSLSQLCKIRGKVFHA
SGGNGLNLTELDGSAYHAFESPAPIGFPDIGDCDWHMSATATNNFTGSSNEYQILIKQESAFAPHLGHVQADNLSAGANT
DLIVSLSWISPVSDQHRHDVDPWVIPRYGSSLTEAAQLAPPIYPPGFGEAIVFFMSDFPVVSGVNGMRIPCTLPQEYVAH
FVNEQAPTRGEAALLHYVDPDTHRNLGEFKMYPEGFMTCVPNSSGSGPQTLPINGVFTFVSWVSRFYQLKPVGTAGPARR
LGIRRS
;
_entity_poly.pdbx_strand_id   A,B
#
# COMPACT_ATOMS: atom_id res chain seq x y z
N LYS A 12 -13.71 -14.70 -19.90
CA LYS A 12 -13.55 -14.07 -18.55
C LYS A 12 -14.03 -12.61 -18.60
N PRO A 13 -15.15 -12.27 -17.95
CA PRO A 13 -15.75 -10.94 -18.12
C PRO A 13 -14.91 -9.84 -17.46
N PHE A 14 -14.79 -8.68 -18.12
CA PHE A 14 -14.11 -7.49 -17.54
C PHE A 14 -14.97 -6.96 -16.39
N SER A 15 -14.31 -6.56 -15.30
CA SER A 15 -14.94 -5.89 -14.14
C SER A 15 -13.97 -4.88 -13.54
N VAL A 16 -14.49 -3.90 -12.81
CA VAL A 16 -13.67 -3.03 -11.93
C VAL A 16 -14.06 -3.40 -10.51
N PRO A 17 -13.18 -3.19 -9.51
CA PRO A 17 -13.49 -3.53 -8.13
C PRO A 17 -14.77 -2.83 -7.64
N ASN A 18 -15.59 -3.60 -6.95
CA ASN A 18 -16.81 -3.17 -6.21
C ASN A 18 -16.37 -2.62 -4.85
N LEU A 19 -15.56 -1.56 -4.84
CA LEU A 19 -14.96 -0.97 -3.62
C LEU A 19 -15.13 0.54 -3.69
N PRO A 20 -15.67 1.17 -2.61
CA PRO A 20 -15.84 2.62 -2.59
C PRO A 20 -14.51 3.37 -2.78
N LEU A 21 -14.49 4.37 -3.66
CA LEU A 21 -13.31 5.17 -4.07
C LEU A 21 -12.50 5.62 -2.85
N ASN A 22 -13.17 6.07 -1.79
CA ASN A 22 -12.52 6.72 -0.63
C ASN A 22 -11.92 5.66 0.30
N THR A 23 -12.03 4.36 -0.01
CA THR A 23 -11.32 3.29 0.72
C THR A 23 -10.07 2.83 -0.06
N LEU A 24 -9.80 3.40 -1.23
CA LEU A 24 -8.70 2.97 -2.13
C LEU A 24 -7.58 4.00 -2.13
N SER A 25 -6.42 3.60 -2.65
CA SER A 25 -5.18 4.41 -2.65
C SER A 25 -4.97 5.07 -4.01
N ASN A 26 -4.37 6.26 -3.98
CA ASN A 26 -3.58 6.83 -5.10
C ASN A 26 -2.61 5.74 -5.58
N SER A 27 -2.26 5.73 -6.87
CA SER A 27 -1.26 4.81 -7.45
C SER A 27 0.09 5.52 -7.65
N ARG A 28 0.23 6.77 -7.20
CA ARG A 28 1.51 7.53 -7.33
C ARG A 28 2.06 7.89 -5.95
N VAL A 29 1.23 7.93 -4.91
CA VAL A 29 1.67 7.99 -3.48
C VAL A 29 0.75 7.11 -2.66
N PRO A 30 1.24 6.54 -1.53
CA PRO A 30 0.42 5.71 -0.67
C PRO A 30 -0.48 6.57 0.24
N SER A 31 -1.60 7.02 -0.29
CA SER A 31 -2.56 7.92 0.38
C SER A 31 -3.97 7.65 -0.15
N LEU A 32 -4.97 7.63 0.74
CA LEU A 32 -6.39 7.42 0.38
C LEU A 32 -6.81 8.45 -0.66
N ILE A 33 -7.64 8.05 -1.63
CA ILE A 33 -8.28 8.95 -2.61
C ILE A 33 -9.32 9.80 -1.84
N ASN A 34 -9.28 11.12 -1.98
CA ASN A 34 -10.24 12.03 -1.29
C ASN A 34 -10.95 12.94 -2.30
N ALA A 35 -10.70 12.79 -3.60
CA ALA A 35 -11.35 13.62 -4.64
C ALA A 35 -11.10 13.06 -6.05
N MET A 36 -11.98 13.41 -6.98
CA MET A 36 -11.76 13.28 -8.44
C MET A 36 -11.71 14.70 -9.01
N MET A 37 -10.89 14.93 -10.04
CA MET A 37 -10.85 16.23 -10.72
C MET A 37 -10.49 16.01 -12.18
N ILE A 38 -10.81 16.99 -13.03
CA ILE A 38 -10.28 17.13 -14.41
C ILE A 38 -9.38 18.38 -14.42
N SER A 39 -8.46 18.46 -15.37
CA SER A 39 -7.51 19.58 -15.55
C SER A 39 -7.33 19.88 -17.04
N ARG A 40 -7.78 21.03 -17.50
CA ARG A 40 -7.48 21.56 -18.86
C ARG A 40 -6.00 21.95 -18.89
N ASP A 41 -5.52 22.60 -17.83
CA ASP A 41 -4.13 23.12 -17.68
C ASP A 41 -3.12 21.97 -17.82
N HIS A 42 -3.32 20.86 -17.09
CA HIS A 42 -2.32 19.76 -16.93
C HIS A 42 -2.79 18.45 -17.60
N GLY A 43 -4.08 18.30 -17.89
CA GLY A 43 -4.70 16.99 -18.19
C GLY A 43 -4.83 16.70 -19.67
N GLN A 44 -4.18 17.50 -20.54
CA GLN A 44 -4.28 17.31 -22.00
C GLN A 44 -3.26 16.24 -22.44
N MET A 45 -2.15 16.10 -21.72
CA MET A 45 -1.27 14.90 -21.81
C MET A 45 -0.65 14.59 -20.45
N VAL A 46 -0.64 13.30 -20.06
CA VAL A 46 0.11 12.82 -18.86
C VAL A 46 0.87 11.56 -19.25
N GLN A 47 2.03 11.36 -18.63
CA GLN A 47 2.89 10.17 -18.87
C GLN A 47 3.41 9.63 -17.54
N PHE A 48 2.55 9.58 -16.52
CA PHE A 48 2.83 8.94 -15.22
C PHE A 48 3.39 7.54 -15.48
N GLN A 49 4.35 7.11 -14.68
CA GLN A 49 5.01 5.78 -14.80
C GLN A 49 4.47 4.80 -13.74
N ASN A 50 3.81 5.32 -12.70
CA ASN A 50 3.12 4.52 -11.66
C ASN A 50 1.61 4.62 -11.89
N GLY A 51 0.87 3.58 -11.49
CA GLY A 51 -0.59 3.47 -11.71
C GLY A 51 -0.89 3.15 -13.17
N ARG A 52 0.08 2.55 -13.89
CA ARG A 52 -0.02 2.29 -15.34
C ARG A 52 -0.18 0.79 -15.56
N VAL A 53 -1.30 0.42 -16.18
CA VAL A 53 -1.66 -0.99 -16.51
C VAL A 53 -2.76 -0.94 -17.56
N THR A 54 -2.77 -1.91 -18.47
CA THR A 54 -3.85 -2.09 -19.48
C THR A 54 -5.05 -2.75 -18.78
N LEU A 55 -6.24 -2.62 -19.36
CA LEU A 55 -7.48 -3.22 -18.80
C LEU A 55 -7.37 -4.74 -18.82
N ASP A 56 -6.50 -5.31 -19.66
CA ASP A 56 -6.26 -6.78 -19.72
C ASP A 56 -5.06 -7.16 -18.85
N GLY A 57 -4.51 -6.22 -18.07
CA GLY A 57 -3.66 -6.49 -16.90
C GLY A 57 -2.18 -6.57 -17.21
N GLN A 58 -1.69 -5.81 -18.19
CA GLN A 58 -0.26 -5.68 -18.52
C GLN A 58 0.28 -4.46 -17.77
N LEU A 59 1.12 -4.68 -16.75
CA LEU A 59 1.81 -3.61 -15.99
C LEU A 59 2.72 -2.83 -16.95
N GLN A 60 2.80 -1.52 -16.78
CA GLN A 60 3.66 -0.61 -17.58
C GLN A 60 4.48 0.28 -16.65
N GLY A 61 5.50 0.92 -17.21
CA GLY A 61 6.38 1.85 -16.49
C GLY A 61 7.06 1.18 -15.32
N THR A 62 6.92 1.77 -14.13
CA THR A 62 7.52 1.29 -12.85
C THR A 62 6.42 0.76 -11.94
N THR A 63 5.22 0.54 -12.48
CA THR A 63 3.97 0.26 -11.72
C THR A 63 4.08 -1.10 -11.02
N PRO A 64 3.92 -1.12 -9.68
CA PRO A 64 3.81 -2.37 -8.93
C PRO A 64 2.36 -2.86 -8.81
N THR A 65 2.20 -4.14 -8.52
CA THR A 65 0.90 -4.76 -8.10
C THR A 65 0.48 -4.19 -6.75
N SER A 66 1.44 -4.10 -5.82
CA SER A 66 1.22 -3.80 -4.38
C SER A 66 1.67 -2.38 -4.04
N LEU A 67 0.88 -1.71 -3.22
CA LEU A 67 1.20 -0.37 -2.67
C LEU A 67 2.46 -0.48 -1.79
N SER A 68 2.80 -1.67 -1.29
CA SER A 68 4.00 -1.90 -0.43
C SER A 68 5.28 -1.54 -1.20
N GLN A 69 5.21 -1.52 -2.53
CA GLN A 69 6.37 -1.23 -3.43
C GLN A 69 6.35 0.25 -3.85
N LEU A 70 5.24 0.96 -3.67
CA LEU A 70 5.05 2.30 -4.28
C LEU A 70 5.84 3.36 -3.49
N CYS A 71 6.50 4.27 -4.23
CA CYS A 71 7.33 5.37 -3.66
C CYS A 71 8.40 4.82 -2.72
N LYS A 72 8.97 3.66 -3.05
CA LYS A 72 10.09 3.03 -2.30
C LYS A 72 11.32 3.00 -3.22
N ILE A 73 12.49 3.08 -2.61
CA ILE A 73 13.81 2.89 -3.27
C ILE A 73 14.60 1.94 -2.37
N ARG A 74 15.31 1.00 -2.98
CA ARG A 74 16.26 0.13 -2.25
C ARG A 74 17.60 0.19 -2.97
N GLY A 75 18.69 0.21 -2.21
CA GLY A 75 20.05 0.17 -2.77
C GLY A 75 21.11 0.02 -1.70
N LYS A 76 22.35 -0.11 -2.15
CA LYS A 76 23.55 -0.14 -1.27
C LYS A 76 24.17 1.26 -1.31
N VAL A 77 24.57 1.77 -0.15
CA VAL A 77 25.19 3.12 -0.02
C VAL A 77 26.55 3.09 -0.71
N PHE A 78 26.83 4.10 -1.53
CA PHE A 78 28.19 4.43 -2.01
C PHE A 78 28.60 5.78 -1.41
N HIS A 79 29.89 5.92 -1.11
CA HIS A 79 30.59 7.15 -0.66
C HIS A 79 31.53 7.58 -1.79
N ALA A 80 31.31 8.77 -2.35
CA ALA A 80 32.14 9.36 -3.44
C ALA A 80 32.39 10.84 -3.12
N SER A 81 33.39 11.43 -3.77
CA SER A 81 33.84 12.85 -3.55
C SER A 81 32.70 13.82 -3.82
N GLY A 82 32.03 13.68 -4.97
CA GLY A 82 30.85 14.47 -5.37
C GLY A 82 29.68 14.30 -4.41
N GLY A 83 29.71 13.24 -3.59
CA GLY A 83 28.72 12.98 -2.53
C GLY A 83 28.26 11.53 -2.51
N ASN A 84 27.52 11.17 -1.46
CA ASN A 84 27.00 9.81 -1.22
C ASN A 84 25.80 9.56 -2.15
N GLY A 85 25.39 8.29 -2.26
CA GLY A 85 24.26 7.87 -3.09
C GLY A 85 23.96 6.40 -2.89
N LEU A 86 23.03 5.87 -3.68
CA LEU A 86 22.55 4.48 -3.61
C LEU A 86 22.78 3.83 -4.97
N ASN A 87 23.38 2.64 -4.97
CA ASN A 87 23.36 1.71 -6.12
C ASN A 87 22.05 0.92 -5.99
N LEU A 88 21.10 1.17 -6.91
CA LEU A 88 19.70 0.69 -6.79
C LEU A 88 19.65 -0.82 -7.01
N THR A 89 18.80 -1.48 -6.21
CA THR A 89 18.24 -2.83 -6.48
C THR A 89 16.72 -2.71 -6.55
N GLU A 90 16.04 -3.80 -6.87
CA GLU A 90 14.59 -3.95 -6.68
C GLU A 90 14.32 -3.98 -5.17
N LEU A 91 13.08 -3.77 -4.76
CA LEU A 91 12.71 -3.67 -3.32
C LEU A 91 12.91 -5.01 -2.62
N ASP A 92 12.79 -6.15 -3.34
CA ASP A 92 13.03 -7.49 -2.74
C ASP A 92 14.54 -7.78 -2.69
N GLY A 93 15.39 -6.86 -3.13
CA GLY A 93 16.86 -6.98 -3.05
C GLY A 93 17.50 -7.57 -4.29
N SER A 94 16.69 -8.10 -5.23
CA SER A 94 17.16 -8.66 -6.53
C SER A 94 17.65 -7.52 -7.44
N ALA A 95 18.48 -7.85 -8.43
CA ALA A 95 19.24 -6.87 -9.25
C ALA A 95 18.29 -6.06 -10.13
N TYR A 96 18.57 -4.75 -10.25
CA TYR A 96 17.82 -3.88 -11.18
C TYR A 96 18.42 -4.01 -12.58
N HIS A 97 17.58 -4.38 -13.54
CA HIS A 97 17.99 -4.46 -14.97
C HIS A 97 17.36 -3.28 -15.71
N ALA A 98 18.16 -2.46 -16.36
CA ALA A 98 17.64 -1.26 -17.07
C ALA A 98 16.67 -1.62 -18.21
N PHE A 99 16.83 -2.78 -18.84
CA PHE A 99 16.03 -3.10 -20.05
C PHE A 99 14.53 -3.20 -19.83
N GLU A 100 14.09 -3.61 -18.64
CA GLU A 100 12.65 -3.88 -18.47
C GLU A 100 11.88 -2.70 -17.88
N SER A 101 12.57 -1.62 -17.48
CA SER A 101 11.85 -0.54 -16.79
C SER A 101 12.61 0.79 -16.79
N PRO A 102 11.93 1.95 -16.72
CA PRO A 102 12.63 3.23 -16.59
C PRO A 102 13.40 3.33 -15.27
N ALA A 103 13.05 2.51 -14.29
CA ALA A 103 13.69 2.52 -12.97
C ALA A 103 13.24 1.25 -12.21
N PRO A 104 13.76 0.88 -11.00
CA PRO A 104 13.19 -0.24 -10.25
C PRO A 104 11.69 -0.05 -10.06
N ILE A 105 10.95 -1.16 -9.98
CA ILE A 105 9.48 -1.15 -9.74
C ILE A 105 9.20 -0.33 -8.48
N GLY A 106 8.20 0.56 -8.54
CA GLY A 106 7.72 1.36 -7.40
C GLY A 106 8.50 2.64 -7.19
N PHE A 107 9.55 2.88 -7.96
CA PHE A 107 10.38 4.11 -7.88
C PHE A 107 9.46 5.31 -8.05
N PRO A 108 9.57 6.38 -7.22
CA PRO A 108 8.67 7.52 -7.33
C PRO A 108 8.73 8.14 -8.72
N ASP A 109 7.60 8.68 -9.20
CA ASP A 109 7.47 9.24 -10.58
C ASP A 109 7.02 10.70 -10.53
N ILE A 110 7.32 11.41 -9.44
CA ILE A 110 6.99 12.86 -9.30
C ILE A 110 8.24 13.67 -9.65
N GLY A 111 8.26 14.25 -10.85
CA GLY A 111 9.45 14.89 -11.45
C GLY A 111 9.72 16.28 -10.86
N ASP A 112 10.95 16.76 -11.08
CA ASP A 112 11.33 18.20 -11.01
C ASP A 112 10.97 18.76 -9.61
N CYS A 113 11.39 18.06 -8.57
CA CYS A 113 11.21 18.47 -7.15
C CYS A 113 12.19 17.71 -6.25
N ASP A 114 12.36 18.18 -5.03
CA ASP A 114 13.21 17.54 -3.99
C ASP A 114 12.35 16.42 -3.36
N TRP A 115 12.93 15.23 -3.20
CA TRP A 115 12.35 14.09 -2.43
C TRP A 115 13.03 14.03 -1.06
N HIS A 116 12.29 14.36 -0.01
CA HIS A 116 12.65 14.07 1.40
C HIS A 116 12.14 12.67 1.73
N MET A 117 13.03 11.79 2.21
CA MET A 117 12.80 10.34 2.29
C MET A 117 13.34 9.79 3.61
N SER A 118 12.78 8.67 4.05
CA SER A 118 13.16 7.94 5.28
C SER A 118 13.72 6.58 4.86
N ALA A 119 14.99 6.34 5.19
CA ALA A 119 15.73 5.10 4.88
C ALA A 119 15.95 4.33 6.18
N THR A 120 15.74 3.01 6.14
CA THR A 120 16.05 2.09 7.27
C THR A 120 17.05 1.03 6.80
N ALA A 121 17.98 0.67 7.69
CA ALA A 121 18.95 -0.42 7.48
C ALA A 121 18.18 -1.75 7.44
N THR A 122 18.36 -2.52 6.38
CA THR A 122 17.66 -3.82 6.15
C THR A 122 18.38 -4.95 6.87
N ASN A 123 19.61 -4.71 7.36
CA ASN A 123 20.47 -5.73 8.02
C ASN A 123 20.83 -5.23 9.42
N ASN A 124 20.52 -6.02 10.45
CA ASN A 124 20.86 -5.73 11.87
C ASN A 124 20.42 -4.30 12.23
N PHE A 125 19.14 -4.00 12.07
CA PHE A 125 18.51 -2.71 12.45
C PHE A 125 18.66 -2.51 13.97
N THR A 126 19.35 -1.45 14.40
CA THR A 126 19.74 -1.19 15.82
C THR A 126 18.77 -0.19 16.48
N GLY A 127 18.11 0.66 15.70
CA GLY A 127 17.20 1.71 16.19
C GLY A 127 17.41 3.03 15.47
N SER A 128 17.29 4.15 16.20
CA SER A 128 17.28 5.54 15.65
C SER A 128 18.48 5.82 14.75
N SER A 129 19.64 5.20 15.01
CA SER A 129 20.90 5.43 14.25
C SER A 129 20.89 4.65 12.93
N ASN A 130 19.93 3.72 12.75
CA ASN A 130 19.74 2.94 11.50
C ASN A 130 18.50 3.44 10.73
N GLU A 131 17.92 4.57 11.14
CA GLU A 131 16.93 5.34 10.34
C GLU A 131 17.58 6.67 9.91
N TYR A 132 17.52 6.99 8.62
CA TYR A 132 18.22 8.15 7.98
C TYR A 132 17.22 9.03 7.22
N GLN A 133 17.08 10.29 7.64
CA GLN A 133 16.30 11.33 6.92
C GLN A 133 17.19 11.92 5.81
N ILE A 134 16.89 11.61 4.55
CA ILE A 134 17.79 11.91 3.41
C ILE A 134 17.04 12.76 2.38
N LEU A 135 17.79 13.44 1.53
CA LEU A 135 17.29 14.32 0.46
C LEU A 135 17.83 13.80 -0.87
N ILE A 136 16.94 13.40 -1.77
CA ILE A 136 17.27 13.03 -3.16
C ILE A 136 16.83 14.17 -4.07
N LYS A 137 17.80 14.85 -4.70
CA LYS A 137 17.57 15.96 -5.65
C LYS A 137 17.49 15.38 -7.05
N GLN A 138 16.77 16.04 -7.94
CA GLN A 138 16.71 15.68 -9.39
C GLN A 138 17.61 16.67 -10.15
N GLU A 139 18.92 16.50 -9.98
CA GLU A 139 19.99 17.25 -10.70
C GLU A 139 20.78 16.26 -11.58
N SER A 140 22.02 16.59 -11.92
CA SER A 140 22.86 15.86 -12.91
C SER A 140 23.08 14.40 -12.50
N ALA A 141 23.28 14.14 -11.20
CA ALA A 141 23.66 12.81 -10.65
C ALA A 141 22.44 11.92 -10.39
N PHE A 142 21.23 12.37 -10.74
CA PHE A 142 19.97 11.58 -10.64
C PHE A 142 19.84 10.74 -11.92
N ALA A 143 20.18 9.45 -11.83
CA ALA A 143 20.26 8.53 -12.98
C ALA A 143 19.68 7.17 -12.63
N PRO A 144 18.40 7.10 -12.17
CA PRO A 144 17.80 5.83 -11.75
C PRO A 144 17.83 4.75 -12.85
N HIS A 145 17.63 5.13 -14.10
CA HIS A 145 17.66 4.20 -15.26
C HIS A 145 19.04 3.52 -15.34
N LEU A 146 20.11 4.23 -14.97
CA LEU A 146 21.50 3.70 -14.97
C LEU A 146 21.79 2.98 -13.64
N GLY A 147 20.91 3.13 -12.64
CA GLY A 147 20.89 2.31 -11.42
C GLY A 147 21.50 3.00 -10.21
N HIS A 148 21.66 4.33 -10.25
CA HIS A 148 22.27 5.08 -9.12
C HIS A 148 21.61 6.46 -9.00
N VAL A 149 21.38 6.89 -7.76
CA VAL A 149 20.97 8.28 -7.42
C VAL A 149 21.90 8.81 -6.34
N GLN A 150 22.12 10.12 -6.35
CA GLN A 150 22.92 10.86 -5.34
C GLN A 150 21.96 11.24 -4.22
N ALA A 151 22.39 11.03 -2.97
CA ALA A 151 21.57 11.29 -1.77
C ALA A 151 22.34 12.23 -0.84
N ASP A 152 21.68 13.29 -0.38
CA ASP A 152 22.22 14.28 0.58
C ASP A 152 21.78 13.90 1.98
N ASN A 153 22.58 14.26 3.00
CA ASN A 153 22.29 14.07 4.44
C ASN A 153 22.14 12.56 4.74
N LEU A 154 22.91 11.73 4.02
CA LEU A 154 22.96 10.25 4.18
C LEU A 154 24.25 9.87 4.90
N SER A 155 24.15 9.50 6.19
CA SER A 155 25.29 9.26 7.10
C SER A 155 25.68 7.77 7.16
N ALA A 156 24.88 6.87 6.58
CA ALA A 156 25.08 5.41 6.64
C ALA A 156 26.40 5.04 5.97
N GLY A 157 27.09 4.03 6.49
CA GLY A 157 28.37 3.53 5.97
C GLY A 157 28.23 2.96 4.57
N ALA A 158 29.30 2.98 3.79
CA ALA A 158 29.37 2.41 2.42
C ALA A 158 28.88 0.96 2.46
N ASN A 159 28.13 0.54 1.43
CA ASN A 159 27.66 -0.86 1.20
C ASN A 159 26.49 -1.21 2.12
N THR A 160 26.04 -0.28 2.98
CA THR A 160 24.83 -0.47 3.83
C THR A 160 23.59 -0.61 2.91
N ASP A 161 22.79 -1.64 3.14
CA ASP A 161 21.54 -1.92 2.36
C ASP A 161 20.40 -1.13 3.03
N LEU A 162 19.73 -0.25 2.27
CA LEU A 162 18.67 0.64 2.79
C LEU A 162 17.37 0.45 1.99
N ILE A 163 16.23 0.39 2.68
CA ILE A 163 14.89 0.57 2.09
C ILE A 163 14.43 1.99 2.44
N VAL A 164 13.98 2.72 1.42
CA VAL A 164 13.75 4.19 1.48
C VAL A 164 12.30 4.47 1.08
N SER A 165 11.57 5.22 1.92
CA SER A 165 10.16 5.65 1.72
C SER A 165 10.12 7.16 1.50
N LEU A 166 9.29 7.63 0.57
CA LEU A 166 9.04 9.07 0.35
C LEU A 166 8.24 9.63 1.53
N SER A 167 8.76 10.67 2.20
CA SER A 167 8.15 11.36 3.37
C SER A 167 7.40 12.61 2.89
N TRP A 168 8.08 13.47 2.15
CA TRP A 168 7.49 14.72 1.59
C TRP A 168 8.34 15.22 0.43
N ILE A 169 7.75 16.11 -0.38
CA ILE A 169 8.42 16.72 -1.57
C ILE A 169 8.32 18.24 -1.46
N SER A 170 9.29 18.94 -2.04
CA SER A 170 9.43 20.41 -1.95
C SER A 170 10.11 20.93 -3.21
N PRO A 171 10.06 22.25 -3.47
CA PRO A 171 10.73 22.82 -4.63
C PRO A 171 12.23 22.46 -4.71
N VAL A 172 12.74 22.33 -5.93
CA VAL A 172 14.15 21.96 -6.23
C VAL A 172 15.10 22.80 -5.38
N SER A 173 16.13 22.16 -4.82
CA SER A 173 17.18 22.78 -3.99
C SER A 173 17.93 23.84 -4.81
N ASP A 174 18.12 23.60 -6.13
CA ASP A 174 18.96 24.44 -7.02
C ASP A 174 18.19 25.71 -7.46
N GLN A 175 16.95 25.88 -6.99
CA GLN A 175 16.17 27.16 -7.05
C GLN A 175 15.68 27.48 -8.47
N HIS A 176 15.83 26.58 -9.46
CA HIS A 176 15.49 26.87 -10.89
C HIS A 176 13.96 27.00 -11.07
N ARG A 177 13.16 26.58 -10.09
CA ARG A 177 11.70 26.86 -9.99
C ARG A 177 11.34 26.88 -8.50
N HIS A 178 10.20 27.49 -8.14
CA HIS A 178 9.83 27.75 -6.73
C HIS A 178 8.58 26.98 -6.32
N ASP A 179 8.03 26.14 -7.20
CA ASP A 179 6.84 25.29 -6.88
C ASP A 179 7.07 23.84 -7.31
N VAL A 180 6.19 22.97 -6.83
CA VAL A 180 6.17 21.52 -7.19
C VAL A 180 4.98 21.28 -8.13
N ASP A 181 5.27 20.83 -9.34
CA ASP A 181 4.27 20.38 -10.34
C ASP A 181 4.23 18.85 -10.32
N PRO A 182 3.25 18.22 -9.62
CA PRO A 182 3.19 16.75 -9.54
C PRO A 182 2.69 16.08 -10.84
N TRP A 183 2.40 16.86 -11.88
CA TRP A 183 1.93 16.34 -13.19
C TRP A 183 3.11 15.88 -14.06
N VAL A 184 4.35 16.19 -13.66
CA VAL A 184 5.57 15.87 -14.47
C VAL A 184 6.29 14.66 -13.88
N ILE A 185 6.97 13.90 -14.72
CA ILE A 185 7.72 12.67 -14.34
C ILE A 185 9.21 12.99 -14.35
N PRO A 186 10.03 12.22 -13.62
CA PRO A 186 11.47 12.42 -13.60
C PRO A 186 12.16 12.17 -14.95
N ARG A 187 13.34 12.75 -15.12
CA ARG A 187 14.28 12.42 -16.21
C ARG A 187 15.10 11.22 -15.72
N TYR A 188 14.68 10.01 -16.10
CA TYR A 188 15.14 8.73 -15.51
C TYR A 188 16.57 8.45 -15.97
N GLY A 189 16.92 8.84 -17.21
CA GLY A 189 18.25 8.63 -17.80
C GLY A 189 19.13 9.86 -17.72
N SER A 190 18.76 10.85 -16.88
CA SER A 190 19.50 12.14 -16.72
C SER A 190 19.56 12.85 -18.09
N SER A 191 20.61 13.63 -18.35
CA SER A 191 20.87 14.30 -19.64
C SER A 191 21.42 13.31 -20.66
N LEU A 192 21.89 12.14 -20.19
CA LEU A 192 22.65 11.15 -20.99
C LEU A 192 21.73 10.47 -22.03
N THR A 193 20.73 9.71 -21.59
CA THR A 193 19.81 8.94 -22.48
C THR A 193 18.34 9.19 -22.07
N GLU A 194 17.42 8.93 -23.00
CA GLU A 194 15.96 8.79 -22.73
C GLU A 194 15.71 7.36 -22.23
N ALA A 195 15.05 7.22 -21.09
CA ALA A 195 14.79 5.92 -20.42
C ALA A 195 13.96 5.03 -21.35
N ALA A 196 14.20 3.71 -21.31
CA ALA A 196 13.49 2.69 -22.12
C ALA A 196 12.28 2.17 -21.35
N GLN A 197 11.29 1.64 -22.08
CA GLN A 197 10.07 1.01 -21.53
C GLN A 197 9.29 2.04 -20.69
N LEU A 198 9.32 3.35 -21.04
CA LEU A 198 8.39 4.36 -20.46
C LEU A 198 6.97 3.96 -20.84
N ALA A 199 6.05 3.99 -19.87
CA ALA A 199 4.60 3.90 -20.12
C ALA A 199 4.24 5.04 -21.06
N PRO A 200 3.48 4.79 -22.14
CA PRO A 200 3.26 5.80 -23.17
C PRO A 200 2.48 7.02 -22.68
N PRO A 201 2.58 8.17 -23.37
CA PRO A 201 1.74 9.32 -23.06
C PRO A 201 0.27 8.99 -23.34
N ILE A 202 -0.64 9.61 -22.59
CA ILE A 202 -2.12 9.43 -22.76
C ILE A 202 -2.76 10.80 -22.90
N TYR A 203 -3.74 10.88 -23.81
CA TYR A 203 -4.52 12.10 -24.18
C TYR A 203 -6.00 11.78 -24.04
N PRO A 204 -6.87 12.77 -23.74
CA PRO A 204 -8.31 12.53 -23.73
C PRO A 204 -8.77 12.20 -25.16
N PRO A 205 -9.43 11.05 -25.42
CA PRO A 205 -9.76 10.65 -26.80
C PRO A 205 -11.08 11.19 -27.39
N GLY A 206 -12.17 11.24 -26.61
CA GLY A 206 -13.53 11.40 -27.16
C GLY A 206 -14.01 12.85 -27.17
N PHE A 207 -15.21 13.07 -27.71
CA PHE A 207 -15.79 14.43 -27.93
C PHE A 207 -16.08 15.10 -26.59
N GLY A 208 -15.35 16.19 -26.28
CA GLY A 208 -15.50 16.98 -25.05
C GLY A 208 -15.03 16.23 -23.81
N GLU A 209 -14.26 15.16 -23.98
CA GLU A 209 -13.85 14.24 -22.89
C GLU A 209 -12.63 14.84 -22.19
N ALA A 210 -12.58 14.73 -20.87
CA ALA A 210 -11.40 15.07 -20.03
C ALA A 210 -10.95 13.83 -19.25
N ILE A 211 -9.64 13.61 -19.12
CA ILE A 211 -9.07 12.52 -18.27
C ILE A 211 -9.50 12.78 -16.83
N VAL A 212 -10.03 11.75 -16.18
CA VAL A 212 -10.37 11.79 -14.72
C VAL A 212 -9.09 11.48 -13.95
N PHE A 213 -8.74 12.36 -13.00
CA PHE A 213 -7.60 12.20 -12.07
C PHE A 213 -8.13 11.91 -10.67
N PHE A 214 -7.66 10.83 -10.06
CA PHE A 214 -7.92 10.46 -8.66
C PHE A 214 -6.89 11.19 -7.81
N MET A 215 -7.37 12.00 -6.86
CA MET A 215 -6.55 12.94 -6.06
C MET A 215 -6.41 12.37 -4.65
N SER A 216 -5.22 12.50 -4.07
CA SER A 216 -4.91 12.22 -2.65
C SER A 216 -4.11 13.39 -2.08
N ASP A 217 -4.32 13.68 -0.80
CA ASP A 217 -3.50 14.66 -0.06
C ASP A 217 -2.17 13.98 0.25
N PHE A 218 -1.09 14.76 0.12
CA PHE A 218 0.30 14.34 0.42
C PHE A 218 1.06 15.57 0.91
N PRO A 219 2.05 15.44 1.81
CA PRO A 219 2.86 16.58 2.21
C PRO A 219 3.62 17.04 0.95
N VAL A 220 3.20 18.19 0.43
CA VAL A 220 3.81 18.89 -0.75
C VAL A 220 4.01 20.33 -0.29
N VAL A 221 5.25 20.84 -0.36
CA VAL A 221 5.57 22.28 -0.13
C VAL A 221 5.37 23.01 -1.46
N SER A 222 4.50 24.03 -1.47
CA SER A 222 4.28 24.95 -2.63
C SER A 222 3.93 24.15 -3.88
N GLY A 223 2.97 23.23 -3.76
CA GLY A 223 2.45 22.49 -4.94
C GLY A 223 1.59 23.39 -5.80
N VAL A 224 1.58 23.19 -7.12
CA VAL A 224 0.70 23.96 -8.05
C VAL A 224 -0.77 23.67 -7.70
N ASN A 225 -1.06 22.47 -7.17
CA ASN A 225 -2.43 22.07 -6.70
C ASN A 225 -2.43 21.94 -5.17
N GLY A 226 -1.56 22.68 -4.48
CA GLY A 226 -1.37 22.52 -3.02
C GLY A 226 -0.86 21.13 -2.69
N MET A 227 -1.45 20.50 -1.66
CA MET A 227 -0.99 19.20 -1.10
C MET A 227 -1.72 18.04 -1.79
N ARG A 228 -1.91 18.11 -3.10
CA ARG A 228 -2.75 17.17 -3.89
C ARG A 228 -1.87 16.50 -4.95
N ILE A 229 -1.93 15.17 -5.03
CA ILE A 229 -1.21 14.35 -6.04
C ILE A 229 -2.24 13.66 -6.93
N PRO A 230 -2.18 13.86 -8.27
CA PRO A 230 -3.06 13.18 -9.20
C PRO A 230 -2.51 11.82 -9.65
N CYS A 231 -3.41 10.87 -9.95
CA CYS A 231 -3.09 9.62 -10.67
C CYS A 231 -4.28 9.24 -11.55
N THR A 232 -4.11 8.23 -12.42
CA THR A 232 -5.11 7.85 -13.45
C THR A 232 -5.87 6.60 -13.02
N LEU A 233 -5.44 5.91 -11.97
CA LEU A 233 -6.10 4.67 -11.47
C LEU A 233 -5.87 4.52 -9.98
N PRO A 234 -6.90 4.10 -9.21
CA PRO A 234 -6.68 3.62 -7.84
C PRO A 234 -5.76 2.38 -7.89
N GLN A 235 -4.83 2.27 -6.95
CA GLN A 235 -3.81 1.18 -6.93
C GLN A 235 -4.52 -0.18 -6.94
N GLU A 236 -5.62 -0.31 -6.20
CA GLU A 236 -6.33 -1.59 -6.01
C GLU A 236 -6.97 -2.02 -7.35
N TYR A 237 -7.26 -1.10 -8.25
CA TYR A 237 -7.72 -1.39 -9.64
C TYR A 237 -6.58 -2.09 -10.41
N VAL A 238 -5.34 -1.63 -10.20
CA VAL A 238 -4.13 -2.19 -10.87
C VAL A 238 -4.03 -3.68 -10.54
N ALA A 239 -4.04 -4.02 -9.24
CA ALA A 239 -3.95 -5.41 -8.75
C ALA A 239 -5.11 -6.23 -9.32
N HIS A 240 -6.30 -5.62 -9.43
CA HIS A 240 -7.51 -6.27 -9.97
C HIS A 240 -7.32 -6.66 -11.45
N PHE A 241 -6.81 -5.76 -12.28
CA PHE A 241 -6.64 -6.03 -13.73
C PHE A 241 -5.54 -7.08 -13.94
N VAL A 242 -4.43 -6.95 -13.22
CA VAL A 242 -3.30 -7.91 -13.28
C VAL A 242 -3.81 -9.30 -12.87
N ASN A 243 -4.71 -9.37 -11.88
CA ASN A 243 -5.35 -10.63 -11.42
C ASN A 243 -6.26 -11.19 -12.51
N GLU A 244 -7.23 -10.40 -13.00
CA GLU A 244 -8.31 -10.89 -13.89
C GLU A 244 -7.78 -11.20 -15.30
N GLN A 245 -6.93 -10.33 -15.85
CA GLN A 245 -6.41 -10.49 -17.23
C GLN A 245 -7.60 -10.68 -18.19
N ALA A 246 -8.68 -9.91 -17.99
CA ALA A 246 -9.91 -10.01 -18.79
C ALA A 246 -9.61 -9.50 -20.20
N PRO A 247 -9.90 -10.28 -21.26
CA PRO A 247 -9.79 -9.80 -22.63
C PRO A 247 -10.55 -8.50 -22.84
N THR A 248 -9.91 -7.50 -23.46
CA THR A 248 -10.53 -6.22 -23.88
C THR A 248 -11.37 -6.50 -25.14
N ARG A 249 -12.71 -6.43 -25.03
CA ARG A 249 -13.65 -6.89 -26.09
C ARG A 249 -14.28 -5.71 -26.83
N GLY A 250 -13.77 -4.49 -26.61
CA GLY A 250 -14.30 -3.24 -27.20
C GLY A 250 -13.29 -2.11 -27.09
N GLU A 251 -13.63 -0.95 -27.65
CA GLU A 251 -12.69 0.20 -27.74
C GLU A 251 -12.69 0.95 -26.41
N ALA A 252 -13.77 0.82 -25.63
CA ALA A 252 -13.91 1.48 -24.30
C ALA A 252 -14.90 0.71 -23.44
N ALA A 253 -14.66 0.70 -22.12
CA ALA A 253 -15.59 0.18 -21.10
C ALA A 253 -16.43 1.34 -20.57
N LEU A 254 -17.74 1.30 -20.79
CA LEU A 254 -18.69 2.25 -20.19
C LEU A 254 -18.86 1.84 -18.71
N LEU A 255 -18.62 2.78 -17.79
CA LEU A 255 -18.84 2.61 -16.34
C LEU A 255 -19.96 3.55 -15.87
N HIS A 256 -20.73 3.12 -14.88
CA HIS A 256 -21.53 3.98 -13.98
C HIS A 256 -20.75 4.16 -12.68
N TYR A 257 -20.72 5.39 -12.17
CA TYR A 257 -20.32 5.72 -10.78
C TYR A 257 -21.58 5.72 -9.92
N VAL A 258 -21.70 4.79 -8.98
CA VAL A 258 -22.97 4.46 -8.30
C VAL A 258 -22.82 4.65 -6.78
N ASP A 259 -23.85 5.18 -6.14
CA ASP A 259 -24.01 5.21 -4.66
C ASP A 259 -24.10 3.76 -4.19
N PRO A 260 -23.20 3.30 -3.29
CA PRO A 260 -23.18 1.89 -2.88
C PRO A 260 -24.39 1.46 -2.04
N ASP A 261 -25.01 2.41 -1.35
CA ASP A 261 -26.23 2.15 -0.55
C ASP A 261 -27.43 2.44 -1.43
N THR A 262 -27.61 3.72 -1.72
CA THR A 262 -28.71 4.32 -2.54
C THR A 262 -28.84 3.62 -3.89
N HIS A 263 -27.72 3.26 -4.52
CA HIS A 263 -27.59 2.51 -5.80
C HIS A 263 -27.86 3.36 -7.03
N ARG A 264 -28.07 4.65 -6.84
CA ARG A 264 -28.33 5.61 -7.93
C ARG A 264 -27.09 5.72 -8.81
N ASN A 265 -27.32 5.93 -10.09
CA ASN A 265 -26.25 6.16 -11.09
C ASN A 265 -25.90 7.67 -11.03
N LEU A 266 -24.73 8.01 -10.52
CA LEU A 266 -24.29 9.40 -10.25
C LEU A 266 -23.59 10.00 -11.48
N GLY A 267 -23.34 9.20 -12.53
CA GLY A 267 -22.68 9.67 -13.76
C GLY A 267 -22.05 8.54 -14.55
N GLU A 268 -21.80 8.78 -15.84
CA GLU A 268 -21.19 7.76 -16.72
C GLU A 268 -19.80 8.23 -17.15
N PHE A 269 -18.91 7.25 -17.35
CA PHE A 269 -17.47 7.42 -17.61
C PHE A 269 -17.04 6.35 -18.61
N LYS A 270 -15.98 6.63 -19.35
CA LYS A 270 -15.35 5.67 -20.28
C LYS A 270 -13.96 5.32 -19.74
N MET A 271 -13.65 4.02 -19.73
CA MET A 271 -12.32 3.48 -19.40
C MET A 271 -11.75 2.88 -20.69
N TYR A 272 -10.56 3.36 -21.09
CA TYR A 272 -9.87 2.98 -22.35
C TYR A 272 -8.90 1.84 -22.06
N PRO A 273 -8.58 1.00 -23.07
CA PRO A 273 -7.71 -0.15 -22.88
C PRO A 273 -6.36 0.20 -22.25
N GLU A 274 -5.90 1.44 -22.44
CA GLU A 274 -4.60 1.96 -21.96
C GLU A 274 -4.62 2.12 -20.43
N GLY A 275 -5.79 2.00 -19.80
CA GLY A 275 -5.97 1.90 -18.34
C GLY A 275 -6.22 3.23 -17.68
N PHE A 276 -6.92 4.14 -18.36
CA PHE A 276 -7.35 5.45 -17.81
C PHE A 276 -8.83 5.67 -18.13
N MET A 277 -9.41 6.64 -17.44
CA MET A 277 -10.85 6.96 -17.45
C MET A 277 -11.04 8.40 -17.94
N THR A 278 -12.15 8.66 -18.65
CA THR A 278 -12.59 10.02 -19.04
C THR A 278 -14.06 10.20 -18.67
N CYS A 279 -14.46 11.46 -18.50
CA CYS A 279 -15.87 11.93 -18.41
C CYS A 279 -16.03 13.10 -19.38
N VAL A 280 -17.26 13.57 -19.54
CA VAL A 280 -17.56 14.87 -20.21
C VAL A 280 -18.06 15.82 -19.15
N PRO A 281 -17.35 16.94 -18.86
CA PRO A 281 -17.87 17.93 -17.93
C PRO A 281 -19.06 18.73 -18.50
N ASN A 282 -19.93 19.18 -17.61
CA ASN A 282 -21.07 20.04 -18.02
C ASN A 282 -20.53 21.43 -18.33
N SER A 283 -20.68 21.91 -19.57
CA SER A 283 -20.32 23.30 -19.94
C SER A 283 -19.13 23.94 -19.20
N SER A 284 -17.94 23.37 -19.32
CA SER A 284 -16.71 23.96 -18.70
C SER A 284 -16.85 23.94 -17.18
N GLY A 285 -17.36 22.84 -16.62
CA GLY A 285 -17.54 22.74 -15.16
C GLY A 285 -16.44 21.95 -14.51
N SER A 286 -16.59 21.64 -13.21
CA SER A 286 -15.57 20.89 -12.43
C SER A 286 -15.69 19.39 -12.69
N GLY A 287 -16.65 18.98 -13.52
CA GLY A 287 -16.86 17.56 -13.86
C GLY A 287 -17.08 16.71 -12.60
N PRO A 288 -16.25 15.69 -12.35
CA PRO A 288 -16.50 14.73 -11.27
C PRO A 288 -16.15 15.27 -9.87
N GLN A 289 -15.57 16.47 -9.80
CA GLN A 289 -15.10 17.12 -8.54
C GLN A 289 -16.24 17.28 -7.54
N THR A 290 -17.49 17.46 -7.97
CA THR A 290 -18.65 17.73 -7.07
C THR A 290 -19.35 16.42 -6.70
N LEU A 291 -18.99 15.30 -7.32
CA LEU A 291 -19.57 13.96 -6.99
C LEU A 291 -19.12 13.56 -5.59
N PRO A 292 -19.91 12.75 -4.84
CA PRO A 292 -19.41 12.16 -3.60
C PRO A 292 -18.25 11.21 -3.93
N ILE A 293 -17.35 10.99 -2.96
CA ILE A 293 -16.09 10.20 -3.14
C ILE A 293 -16.28 8.80 -2.56
N ASN A 294 -17.47 8.47 -2.06
CA ASN A 294 -17.76 7.16 -1.42
C ASN A 294 -18.54 6.27 -2.40
N GLY A 295 -18.51 6.59 -3.69
CA GLY A 295 -19.18 5.84 -4.76
C GLY A 295 -18.34 4.68 -5.25
N VAL A 296 -18.93 3.78 -6.03
CA VAL A 296 -18.24 2.62 -6.65
C VAL A 296 -18.45 2.73 -8.16
N PHE A 297 -17.39 2.47 -8.94
CA PHE A 297 -17.51 2.30 -10.40
C PHE A 297 -17.99 0.87 -10.66
N THR A 298 -18.82 0.71 -11.69
CA THR A 298 -19.39 -0.59 -12.11
C THR A 298 -19.31 -0.66 -13.64
N PHE A 299 -18.82 -1.77 -14.17
CA PHE A 299 -18.76 -2.03 -15.63
C PHE A 299 -20.18 -2.19 -16.15
N VAL A 300 -20.54 -1.47 -17.21
CA VAL A 300 -21.89 -1.56 -17.86
C VAL A 300 -21.75 -2.39 -19.14
N SER A 301 -20.88 -1.97 -20.06
CA SER A 301 -20.71 -2.63 -21.37
C SER A 301 -19.51 -2.06 -22.12
N TRP A 302 -19.05 -2.82 -23.11
CA TRP A 302 -18.10 -2.38 -24.15
C TRP A 302 -18.83 -1.47 -25.13
N VAL A 303 -18.26 -0.28 -25.42
CA VAL A 303 -18.82 0.71 -26.38
C VAL A 303 -17.70 1.13 -27.33
N SER A 304 -18.04 1.79 -28.45
CA SER A 304 -17.02 2.36 -29.38
C SER A 304 -16.36 3.57 -28.72
N ARG A 305 -15.18 3.95 -29.22
CA ARG A 305 -14.47 5.18 -28.76
C ARG A 305 -15.37 6.41 -29.00
N PHE A 306 -16.29 6.32 -29.97
CA PHE A 306 -17.15 7.46 -30.40
C PHE A 306 -18.34 7.65 -29.45
N TYR A 307 -18.65 6.65 -28.61
CA TYR A 307 -19.83 6.70 -27.70
C TYR A 307 -19.80 8.02 -26.92
N GLN A 308 -20.95 8.71 -26.86
CA GLN A 308 -21.06 10.09 -26.31
C GLN A 308 -21.61 10.00 -24.88
N LEU A 309 -20.82 10.46 -23.92
CA LEU A 309 -21.14 10.42 -22.47
C LEU A 309 -22.13 11.55 -22.14
N LYS A 310 -23.14 11.25 -21.33
CA LYS A 310 -23.93 12.28 -20.62
C LYS A 310 -22.96 13.12 -19.79
N PRO A 311 -22.95 14.47 -19.97
CA PRO A 311 -22.13 15.34 -19.12
C PRO A 311 -22.31 15.05 -17.63
N VAL A 312 -21.24 15.18 -16.85
CA VAL A 312 -21.25 14.92 -15.38
C VAL A 312 -20.92 16.22 -14.63
N GLY A 313 -21.59 16.44 -13.50
CA GLY A 313 -21.32 17.57 -12.59
C GLY A 313 -22.16 18.80 -12.92
N THR A 314 -21.74 19.95 -12.39
CA THR A 314 -22.44 21.26 -12.43
C THR A 314 -21.67 22.23 -13.32
N ALA A 315 -22.27 23.39 -13.63
CA ALA A 315 -21.63 24.68 -13.99
C ALA A 315 -20.98 24.62 -15.37
N PRO B 13 -18.59 -17.39 -7.88
CA PRO B 13 -17.59 -18.42 -7.51
C PRO B 13 -16.44 -17.82 -6.69
N PHE B 14 -16.01 -18.50 -5.62
CA PHE B 14 -14.86 -18.10 -4.78
C PHE B 14 -13.58 -18.22 -5.59
N SER B 15 -12.69 -17.24 -5.44
CA SER B 15 -11.32 -17.25 -6.02
C SER B 15 -10.37 -16.55 -5.07
N VAL B 16 -9.08 -16.84 -5.19
CA VAL B 16 -8.01 -16.04 -4.57
C VAL B 16 -7.27 -15.37 -5.72
N PRO B 17 -6.60 -14.22 -5.50
CA PRO B 17 -5.90 -13.54 -6.57
C PRO B 17 -4.87 -14.44 -7.24
N ASN B 18 -4.82 -14.35 -8.57
CA ASN B 18 -3.82 -14.99 -9.46
C ASN B 18 -2.57 -14.11 -9.49
N LEU B 19 -1.94 -13.88 -8.32
CA LEU B 19 -0.80 -12.95 -8.16
C LEU B 19 0.29 -13.66 -7.36
N PRO B 20 1.53 -13.67 -7.87
CA PRO B 20 2.64 -14.29 -7.15
C PRO B 20 2.86 -13.67 -5.77
N LEU B 21 3.02 -14.53 -4.76
CA LEU B 21 3.14 -14.16 -3.32
C LEU B 21 4.14 -13.02 -3.11
N ASN B 22 5.27 -13.07 -3.80
CA ASN B 22 6.42 -12.16 -3.54
C ASN B 22 6.17 -10.80 -4.21
N THR B 23 5.03 -10.60 -4.88
CA THR B 23 4.60 -9.26 -5.38
C THR B 23 3.56 -8.63 -4.46
N LEU B 24 3.16 -9.30 -3.38
CA LEU B 24 2.06 -8.86 -2.49
C LEU B 24 2.60 -8.37 -1.15
N SER B 25 1.77 -7.67 -0.38
CA SER B 25 2.13 -7.06 0.92
C SER B 25 1.66 -7.91 2.10
N ASN B 26 2.45 -7.88 3.18
CA ASN B 26 2.00 -8.15 4.56
C ASN B 26 0.73 -7.32 4.81
N SER B 27 -0.17 -7.80 5.65
CA SER B 27 -1.40 -7.07 6.05
C SER B 27 -1.25 -6.43 7.44
N ARG B 28 -0.08 -6.50 8.05
CA ARG B 28 0.18 -5.91 9.40
C ARG B 28 1.27 -4.83 9.32
N VAL B 29 2.12 -4.86 8.28
CA VAL B 29 3.06 -3.76 7.93
C VAL B 29 3.13 -3.64 6.42
N PRO B 30 3.38 -2.43 5.89
CA PRO B 30 3.47 -2.23 4.43
C PRO B 30 4.85 -2.66 3.92
N SER B 31 5.00 -3.96 3.67
CA SER B 31 6.26 -4.61 3.25
C SER B 31 5.96 -5.86 2.43
N LEU B 32 6.70 -6.08 1.34
CA LEU B 32 6.54 -7.27 0.45
C LEU B 32 6.69 -8.54 1.29
N ILE B 33 5.91 -9.56 0.94
CA ILE B 33 6.02 -10.93 1.51
C ILE B 33 7.31 -11.54 0.97
N ASN B 34 8.19 -12.06 1.83
CA ASN B 34 9.47 -12.69 1.40
C ASN B 34 9.58 -14.12 1.95
N ALA B 35 8.57 -14.64 2.66
CA ALA B 35 8.59 -16.02 3.21
C ALA B 35 7.21 -16.45 3.73
N MET B 36 6.99 -17.76 3.80
CA MET B 36 5.90 -18.41 4.57
C MET B 36 6.54 -19.20 5.71
N MET B 37 5.89 -19.25 6.88
CA MET B 37 6.37 -20.10 8.01
C MET B 37 5.16 -20.59 8.80
N ILE B 38 5.36 -21.68 9.55
CA ILE B 38 4.46 -22.14 10.64
C ILE B 38 5.22 -21.95 11.95
N SER B 39 4.51 -21.86 13.09
CA SER B 39 5.13 -21.60 14.42
C SER B 39 4.43 -22.44 15.49
N ARG B 40 5.15 -23.38 16.08
CA ARG B 40 4.72 -24.12 17.30
C ARG B 40 4.75 -23.16 18.49
N ASP B 41 5.81 -22.35 18.59
CA ASP B 41 6.05 -21.38 19.69
C ASP B 41 4.89 -20.38 19.77
N HIS B 42 4.52 -19.76 18.64
CA HIS B 42 3.62 -18.57 18.57
C HIS B 42 2.30 -18.87 17.85
N GLY B 43 2.18 -20.02 17.17
CA GLY B 43 1.04 -20.32 16.27
C GLY B 43 -0.08 -21.10 16.94
N GLN B 44 -0.10 -21.17 18.27
CA GLN B 44 -1.11 -21.90 19.07
C GLN B 44 -2.38 -21.04 19.18
N MET B 45 -2.23 -19.72 19.22
CA MET B 45 -3.35 -18.75 19.09
C MET B 45 -2.80 -17.42 18.57
N VAL B 46 -3.53 -16.79 17.64
CA VAL B 46 -3.24 -15.40 17.18
C VAL B 46 -4.57 -14.65 17.13
N GLN B 47 -4.53 -13.35 17.42
CA GLN B 47 -5.73 -12.47 17.39
C GLN B 47 -5.35 -11.14 16.75
N PHE B 48 -4.56 -11.18 15.67
CA PHE B 48 -4.21 -9.99 14.85
C PHE B 48 -5.51 -9.24 14.54
N GLN B 49 -5.45 -7.91 14.54
CA GLN B 49 -6.62 -7.03 14.25
C GLN B 49 -6.53 -6.49 12.83
N ASN B 50 -5.36 -6.55 12.20
CA ASN B 50 -5.13 -6.18 10.78
C ASN B 50 -4.95 -7.46 9.96
N GLY B 51 -5.32 -7.41 8.68
CA GLY B 51 -5.30 -8.58 7.76
C GLY B 51 -6.43 -9.54 8.07
N ARG B 52 -7.50 -9.03 8.70
CA ARG B 52 -8.65 -9.85 9.17
C ARG B 52 -9.85 -9.55 8.30
N VAL B 53 -10.37 -10.58 7.64
CA VAL B 53 -11.55 -10.52 6.74
C VAL B 53 -12.03 -11.95 6.55
N THR B 54 -13.34 -12.14 6.40
CA THR B 54 -13.97 -13.44 6.07
C THR B 54 -13.79 -13.69 4.57
N LEU B 55 -13.87 -14.95 4.14
CA LEU B 55 -13.70 -15.32 2.71
C LEU B 55 -14.85 -14.72 1.89
N ASP B 56 -15.96 -14.34 2.52
CA ASP B 56 -17.10 -13.67 1.81
C ASP B 56 -16.98 -12.14 1.97
N GLY B 57 -15.88 -11.64 2.53
CA GLY B 57 -15.45 -10.23 2.37
C GLY B 57 -15.97 -9.30 3.45
N GLN B 58 -16.15 -9.79 4.68
CA GLN B 58 -16.52 -8.96 5.86
C GLN B 58 -15.24 -8.58 6.57
N LEU B 59 -14.87 -7.29 6.52
CA LEU B 59 -13.69 -6.75 7.24
C LEU B 59 -13.91 -6.91 8.75
N GLN B 60 -12.85 -7.23 9.49
CA GLN B 60 -12.88 -7.39 10.96
C GLN B 60 -11.76 -6.57 11.58
N GLY B 61 -11.83 -6.36 12.90
CA GLY B 61 -10.83 -5.61 13.68
C GLY B 61 -10.65 -4.21 13.11
N THR B 62 -9.41 -3.84 12.83
CA THR B 62 -9.01 -2.50 12.35
C THR B 62 -8.59 -2.59 10.88
N THR B 63 -8.91 -3.71 10.22
CA THR B 63 -8.39 -4.09 8.88
C THR B 63 -8.94 -3.13 7.82
N PRO B 64 -8.05 -2.45 7.06
CA PRO B 64 -8.46 -1.66 5.90
C PRO B 64 -8.49 -2.49 4.62
N THR B 65 -9.21 -1.98 3.61
CA THR B 65 -9.19 -2.48 2.22
C THR B 65 -7.80 -2.22 1.61
N SER B 66 -7.26 -1.01 1.84
CA SER B 66 -6.07 -0.46 1.17
C SER B 66 -4.88 -0.42 2.13
N LEU B 67 -3.70 -0.76 1.61
CA LEU B 67 -2.43 -0.65 2.36
C LEU B 67 -2.15 0.81 2.72
N SER B 68 -2.76 1.77 2.00
CA SER B 68 -2.56 3.23 2.25
C SER B 68 -3.03 3.60 3.67
N GLN B 69 -3.91 2.78 4.26
CA GLN B 69 -4.48 3.00 5.61
C GLN B 69 -3.69 2.22 6.67
N LEU B 70 -2.85 1.26 6.28
CA LEU B 70 -2.24 0.31 7.24
C LEU B 70 -1.10 0.98 8.00
N CYS B 71 -1.00 0.73 9.31
CA CYS B 71 0.04 1.29 10.22
C CYS B 71 0.06 2.81 10.16
N LYS B 72 -1.12 3.43 10.05
CA LYS B 72 -1.30 4.90 10.05
C LYS B 72 -2.13 5.27 11.30
N ILE B 73 -1.90 6.48 11.82
CA ILE B 73 -2.72 7.12 12.87
C ILE B 73 -2.98 8.55 12.42
N ARG B 74 -4.19 9.04 12.63
CA ARG B 74 -4.53 10.46 12.42
C ARG B 74 -5.22 10.99 13.69
N GLY B 75 -4.92 12.25 14.06
CA GLY B 75 -5.60 12.91 15.18
C GLY B 75 -5.15 14.35 15.34
N LYS B 76 -5.74 15.02 16.33
CA LYS B 76 -5.44 16.42 16.71
C LYS B 76 -4.56 16.40 17.96
N VAL B 77 -3.51 17.21 17.98
CA VAL B 77 -2.55 17.27 19.12
C VAL B 77 -3.26 17.82 20.36
N PHE B 78 -3.07 17.17 21.50
CA PHE B 78 -3.39 17.74 22.83
C PHE B 78 -2.08 17.94 23.61
N HIS B 79 -2.05 18.97 24.46
CA HIS B 79 -0.97 19.28 25.44
C HIS B 79 -1.48 19.01 26.86
N ALA B 80 -0.84 18.10 27.60
CA ALA B 80 -1.08 17.88 29.05
C ALA B 80 0.27 17.80 29.78
N SER B 81 0.27 18.05 31.09
CA SER B 81 1.47 18.00 31.97
C SER B 81 2.08 16.60 31.95
N GLY B 82 1.23 15.58 32.13
CA GLY B 82 1.56 14.14 32.04
C GLY B 82 2.14 13.76 30.68
N GLY B 83 1.93 14.59 29.66
CA GLY B 83 2.55 14.46 28.33
C GLY B 83 1.60 14.81 27.20
N ASN B 84 2.14 15.19 26.05
CA ASN B 84 1.35 15.49 24.81
C ASN B 84 0.83 14.19 24.21
N GLY B 85 -0.12 14.28 23.28
CA GLY B 85 -0.74 13.11 22.63
C GLY B 85 -1.67 13.51 21.50
N LEU B 86 -2.39 12.53 20.94
CA LEU B 86 -3.32 12.72 19.80
C LEU B 86 -4.71 12.28 20.21
N ASN B 87 -5.71 13.12 19.92
CA ASN B 87 -7.15 12.74 19.91
C ASN B 87 -7.43 12.16 18.52
N LEU B 88 -7.65 10.85 18.45
CA LEU B 88 -7.68 10.06 17.20
C LEU B 88 -8.93 10.39 16.39
N THR B 89 -8.76 10.49 15.06
CA THR B 89 -9.82 10.38 14.03
C THR B 89 -9.51 9.18 13.13
N GLU B 90 -10.40 8.88 12.19
CA GLU B 90 -10.11 7.99 11.03
C GLU B 90 -9.08 8.72 10.15
N LEU B 91 -8.42 7.98 9.25
CA LEU B 91 -7.33 8.52 8.40
C LEU B 91 -7.89 9.55 7.41
N ASP B 92 -9.15 9.42 7.00
CA ASP B 92 -9.80 10.42 6.09
C ASP B 92 -10.28 11.64 6.89
N GLY B 93 -10.04 11.69 8.21
CA GLY B 93 -10.36 12.86 9.05
C GLY B 93 -11.73 12.76 9.72
N SER B 94 -12.57 11.80 9.31
CA SER B 94 -13.92 11.57 9.88
C SER B 94 -13.80 11.00 11.30
N ALA B 95 -14.87 11.13 12.10
CA ALA B 95 -14.91 10.82 13.55
C ALA B 95 -14.74 9.31 13.76
N TYR B 96 -13.92 8.93 14.73
CA TYR B 96 -13.73 7.53 15.18
C TYR B 96 -14.88 7.15 16.13
N HIS B 97 -15.60 6.07 15.80
CA HIS B 97 -16.69 5.45 16.61
C HIS B 97 -16.15 4.21 17.33
N ALA B 98 -16.04 4.29 18.65
CA ALA B 98 -15.63 3.19 19.57
C ALA B 98 -16.46 1.92 19.31
N PHE B 99 -17.73 2.06 18.96
CA PHE B 99 -18.67 0.91 18.82
C PHE B 99 -18.39 0.13 17.52
N GLU B 100 -17.58 0.67 16.59
CA GLU B 100 -17.37 0.10 15.22
C GLU B 100 -16.08 -0.73 15.15
N SER B 101 -15.06 -0.45 15.98
CA SER B 101 -13.74 -1.10 15.92
C SER B 101 -12.97 -0.88 17.22
N PRO B 102 -11.93 -1.70 17.51
CA PRO B 102 -11.08 -1.52 18.69
C PRO B 102 -10.19 -0.26 18.65
N ALA B 103 -9.99 0.28 17.45
CA ALA B 103 -9.24 1.52 17.19
C ALA B 103 -9.65 2.02 15.82
N PRO B 104 -9.23 3.22 15.38
CA PRO B 104 -9.47 3.64 13.99
C PRO B 104 -8.90 2.60 13.01
N ILE B 105 -9.51 2.50 11.84
CA ILE B 105 -9.09 1.54 10.77
C ILE B 105 -7.62 1.81 10.45
N GLY B 106 -6.83 0.73 10.37
CA GLY B 106 -5.42 0.78 9.95
C GLY B 106 -4.48 1.03 11.12
N PHE B 107 -5.02 1.25 12.32
CA PHE B 107 -4.22 1.44 13.56
C PHE B 107 -3.28 0.25 13.72
N PRO B 108 -1.98 0.45 14.01
CA PRO B 108 -1.06 -0.67 14.15
C PRO B 108 -1.53 -1.67 15.22
N ASP B 109 -1.25 -2.96 15.03
CA ASP B 109 -1.75 -4.05 15.91
C ASP B 109 -0.56 -4.87 16.44
N ILE B 110 0.61 -4.26 16.57
CA ILE B 110 1.82 -4.93 17.11
C ILE B 110 1.97 -4.51 18.58
N GLY B 111 1.63 -5.42 19.49
CA GLY B 111 1.51 -5.11 20.93
C GLY B 111 2.85 -5.05 21.65
N ASP B 112 2.85 -4.47 22.84
CA ASP B 112 3.90 -4.65 23.88
C ASP B 112 5.27 -4.28 23.30
N CYS B 113 5.36 -3.10 22.69
CA CYS B 113 6.60 -2.53 22.12
C CYS B 113 6.46 -1.02 21.93
N ASP B 114 7.58 -0.34 21.71
CA ASP B 114 7.64 1.12 21.40
C ASP B 114 7.37 1.27 19.89
N TRP B 115 6.48 2.20 19.51
CA TRP B 115 6.25 2.64 18.11
C TRP B 115 6.98 3.96 17.87
N HIS B 116 8.04 3.93 17.06
CA HIS B 116 8.70 5.13 16.48
C HIS B 116 7.99 5.46 15.16
N MET B 117 7.50 6.70 15.04
CA MET B 117 6.53 7.10 14.00
C MET B 117 6.90 8.46 13.43
N SER B 118 6.47 8.70 12.20
CA SER B 118 6.68 9.98 11.46
C SER B 118 5.31 10.61 11.22
N ALA B 119 5.10 11.80 11.78
CA ALA B 119 3.85 12.60 11.69
C ALA B 119 4.10 13.80 10.77
N THR B 120 3.15 14.09 9.88
CA THR B 120 3.17 15.28 8.99
C THR B 120 1.89 16.09 9.24
N ALA B 121 2.02 17.41 9.20
CA ALA B 121 0.90 18.37 9.24
C ALA B 121 0.04 18.18 7.99
N THR B 122 -1.26 17.98 8.17
CA THR B 122 -2.24 17.77 7.08
C THR B 122 -2.72 19.12 6.52
N ASN B 123 -2.43 20.23 7.22
CA ASN B 123 -2.91 21.59 6.83
C ASN B 123 -1.69 22.51 6.66
N ASN B 124 -1.54 23.12 5.50
CA ASN B 124 -0.44 24.09 5.17
C ASN B 124 0.92 23.51 5.57
N PHE B 125 1.26 22.33 5.03
CA PHE B 125 2.57 21.66 5.22
C PHE B 125 3.68 22.57 4.67
N THR B 126 4.60 23.00 5.54
CA THR B 126 5.67 24.01 5.26
C THR B 126 7.01 23.32 4.93
N GLY B 127 7.23 22.11 5.43
CA GLY B 127 8.50 21.36 5.26
C GLY B 127 8.95 20.71 6.56
N SER B 128 10.26 20.72 6.82
CA SER B 128 10.93 19.99 7.93
C SER B 128 10.30 20.29 9.29
N SER B 129 9.78 21.51 9.50
CA SER B 129 9.19 21.94 10.80
C SER B 129 7.77 21.41 10.96
N ASN B 130 7.17 20.85 9.89
CA ASN B 130 5.82 20.22 9.90
C ASN B 130 5.94 18.70 9.78
N GLU B 131 7.15 18.14 9.92
CA GLU B 131 7.39 16.68 10.08
C GLU B 131 7.96 16.43 11.48
N TYR B 132 7.38 15.48 12.24
CA TYR B 132 7.70 15.20 13.66
C TYR B 132 7.99 13.70 13.85
N GLN B 133 9.22 13.38 14.28
CA GLN B 133 9.63 12.03 14.73
C GLN B 133 9.17 11.84 16.18
N ILE B 134 8.17 10.99 16.40
CA ILE B 134 7.49 10.86 17.71
C ILE B 134 7.60 9.41 18.19
N LEU B 135 7.46 9.21 19.50
CA LEU B 135 7.49 7.88 20.16
C LEU B 135 6.15 7.66 20.86
N ILE B 136 5.41 6.63 20.45
CA ILE B 136 4.16 6.17 21.10
C ILE B 136 4.49 4.90 21.90
N LYS B 137 4.42 5.01 23.23
CA LYS B 137 4.64 3.90 24.18
C LYS B 137 3.29 3.23 24.45
N GLN B 138 3.32 1.94 24.78
CA GLN B 138 2.11 1.18 25.21
C GLN B 138 2.17 1.04 26.74
N GLU B 139 1.94 2.17 27.43
CA GLU B 139 1.83 2.29 28.91
C GLU B 139 0.40 2.73 29.24
N SER B 140 0.18 3.33 30.42
CA SER B 140 -1.16 3.65 30.99
C SER B 140 -1.96 4.56 30.06
N ALA B 141 -1.30 5.55 29.42
CA ALA B 141 -1.96 6.62 28.63
C ALA B 141 -2.25 6.16 27.19
N PHE B 142 -1.93 4.92 26.82
CA PHE B 142 -2.26 4.29 25.51
C PHE B 142 -3.69 3.73 25.58
N ALA B 143 -4.65 4.45 25.01
CA ALA B 143 -6.10 4.14 25.09
C ALA B 143 -6.76 4.36 23.75
N PRO B 144 -6.31 3.66 22.68
CA PRO B 144 -6.84 3.90 21.34
C PRO B 144 -8.36 3.68 21.24
N HIS B 145 -8.90 2.69 21.95
CA HIS B 145 -10.36 2.40 21.96
C HIS B 145 -11.14 3.62 22.47
N LEU B 146 -10.57 4.39 23.41
CA LEU B 146 -11.16 5.64 23.96
C LEU B 146 -10.84 6.84 23.06
N GLY B 147 -9.91 6.67 22.12
CA GLY B 147 -9.64 7.64 21.04
C GLY B 147 -8.49 8.58 21.36
N HIS B 148 -7.57 8.22 22.27
CA HIS B 148 -6.37 9.03 22.56
C HIS B 148 -5.15 8.14 22.85
N VAL B 149 -3.97 8.59 22.42
CA VAL B 149 -2.66 8.00 22.76
C VAL B 149 -1.71 9.14 23.17
N GLN B 150 -0.77 8.83 24.05
CA GLN B 150 0.28 9.77 24.51
C GLN B 150 1.46 9.62 23.54
N ALA B 151 2.04 10.74 23.11
CA ALA B 151 3.22 10.78 22.21
C ALA B 151 4.35 11.56 22.86
N ASP B 152 5.56 11.00 22.82
CA ASP B 152 6.82 11.65 23.26
C ASP B 152 7.48 12.37 22.07
N ASN B 153 8.18 13.48 22.35
CA ASN B 153 8.97 14.29 21.38
C ASN B 153 8.02 14.85 20.31
N LEU B 154 6.78 15.17 20.70
CA LEU B 154 5.75 15.82 19.83
C LEU B 154 5.64 17.30 20.22
N SER B 155 6.22 18.19 19.43
CA SER B 155 6.37 19.65 19.74
C SER B 155 5.27 20.48 19.05
N ALA B 156 4.47 19.87 18.18
CA ALA B 156 3.43 20.56 17.38
C ALA B 156 2.40 21.21 18.31
N GLY B 157 1.85 22.36 17.90
CA GLY B 157 0.86 23.12 18.67
C GLY B 157 -0.44 22.35 18.86
N ALA B 158 -1.15 22.65 19.94
CA ALA B 158 -2.45 22.06 20.30
C ALA B 158 -3.41 22.15 19.11
N ASN B 159 -4.19 21.09 18.87
CA ASN B 159 -5.27 21.00 17.86
C ASN B 159 -4.70 20.88 16.43
N THR B 160 -3.37 20.79 16.27
CA THR B 160 -2.72 20.51 14.95
C THR B 160 -3.14 19.11 14.48
N ASP B 161 -3.60 19.02 13.23
CA ASP B 161 -4.03 17.76 12.59
C ASP B 161 -2.80 17.08 11.98
N LEU B 162 -2.52 15.84 12.40
CA LEU B 162 -1.31 15.08 11.96
C LEU B 162 -1.73 13.72 11.38
N ILE B 163 -1.11 13.32 10.26
CA ILE B 163 -1.11 11.92 9.75
C ILE B 163 0.23 11.28 10.12
N VAL B 164 0.18 10.11 10.73
CA VAL B 164 1.34 9.45 11.39
C VAL B 164 1.56 8.06 10.75
N SER B 165 2.79 7.77 10.33
CA SER B 165 3.24 6.47 9.76
C SER B 165 4.19 5.78 10.73
N LEU B 166 4.06 4.46 10.88
CA LEU B 166 5.00 3.62 11.67
C LEU B 166 6.33 3.54 10.91
N SER B 167 7.44 3.96 11.54
CA SER B 167 8.80 3.96 10.97
C SER B 167 9.55 2.70 11.42
N TRP B 168 9.56 2.44 12.73
CA TRP B 168 10.20 1.23 13.31
C TRP B 168 9.64 0.98 14.71
N ILE B 169 9.87 -0.23 15.23
CA ILE B 169 9.43 -0.64 16.59
C ILE B 169 10.64 -1.18 17.36
N SER B 170 10.61 -1.05 18.68
CA SER B 170 11.73 -1.44 19.59
C SER B 170 11.16 -1.88 20.93
N PRO B 171 11.97 -2.54 21.79
CA PRO B 171 11.53 -2.92 23.13
C PRO B 171 10.95 -1.75 23.93
N VAL B 172 9.95 -2.05 24.76
CA VAL B 172 9.25 -1.06 25.64
C VAL B 172 10.27 -0.17 26.35
N SER B 173 9.99 1.14 26.40
CA SER B 173 10.84 2.17 27.04
C SER B 173 11.04 1.85 28.52
N ASP B 174 10.02 1.32 29.19
CA ASP B 174 9.98 1.10 30.65
C ASP B 174 10.74 -0.19 31.03
N GLN B 175 11.28 -0.92 30.06
CA GLN B 175 12.26 -2.04 30.26
C GLN B 175 11.62 -3.27 30.92
N HIS B 176 10.29 -3.38 30.98
CA HIS B 176 9.59 -4.54 31.59
C HIS B 176 9.78 -5.81 30.74
N ARG B 177 10.26 -5.67 29.50
CA ARG B 177 10.83 -6.77 28.65
C ARG B 177 11.90 -6.17 27.73
N HIS B 178 12.78 -6.98 27.16
CA HIS B 178 13.97 -6.50 26.42
C HIS B 178 13.91 -6.90 24.94
N ASP B 179 12.82 -7.53 24.49
CA ASP B 179 12.62 -7.91 23.06
C ASP B 179 11.21 -7.53 22.59
N VAL B 180 11.01 -7.59 21.26
CA VAL B 180 9.70 -7.30 20.60
C VAL B 180 9.12 -8.63 20.12
N ASP B 181 7.93 -8.97 20.62
CA ASP B 181 7.14 -10.14 20.16
C ASP B 181 6.04 -9.62 19.24
N PRO B 182 6.21 -9.67 17.90
CA PRO B 182 5.19 -9.16 16.97
C PRO B 182 3.95 -10.05 16.85
N TRP B 183 3.90 -11.16 17.59
CA TRP B 183 2.75 -12.10 17.59
C TRP B 183 1.63 -11.61 18.52
N VAL B 184 1.89 -10.59 19.35
CA VAL B 184 0.91 -10.07 20.34
C VAL B 184 0.29 -8.76 19.83
N ILE B 185 -0.94 -8.51 20.24
CA ILE B 185 -1.72 -7.31 19.86
C ILE B 185 -1.75 -6.36 21.06
N PRO B 186 -2.00 -5.06 20.82
CA PRO B 186 -2.11 -4.09 21.90
C PRO B 186 -3.32 -4.34 22.82
N ARG B 187 -3.27 -3.79 24.03
CA ARG B 187 -4.45 -3.59 24.91
C ARG B 187 -5.12 -2.29 24.48
N TYR B 188 -6.19 -2.40 23.70
CA TYR B 188 -6.87 -1.25 23.04
C TYR B 188 -7.60 -0.37 24.07
N GLY B 189 -8.16 -1.01 25.10
CA GLY B 189 -8.75 -0.34 26.29
C GLY B 189 -8.54 -1.16 27.55
N GLN B 197 -14.68 -4.26 19.77
CA GLN B 197 -15.17 -5.24 18.76
C GLN B 197 -13.96 -5.93 18.10
N LEU B 198 -13.18 -6.64 18.92
CA LEU B 198 -11.91 -7.31 18.50
C LEU B 198 -12.25 -8.41 17.48
N ALA B 199 -11.48 -8.52 16.41
CA ALA B 199 -11.46 -9.70 15.51
C ALA B 199 -11.17 -10.91 16.39
N PRO B 200 -11.94 -12.02 16.26
CA PRO B 200 -11.83 -13.14 17.20
C PRO B 200 -10.49 -13.85 17.14
N PRO B 201 -10.12 -14.61 18.19
CA PRO B 201 -8.91 -15.43 18.15
C PRO B 201 -9.06 -16.53 17.10
N ILE B 202 -7.93 -16.94 16.53
CA ILE B 202 -7.78 -18.03 15.54
C ILE B 202 -6.91 -19.11 16.20
N TYR B 203 -7.39 -20.35 16.15
CA TYR B 203 -6.69 -21.54 16.68
C TYR B 203 -6.46 -22.52 15.53
N PRO B 204 -5.37 -23.32 15.59
CA PRO B 204 -5.15 -24.40 14.63
C PRO B 204 -6.30 -25.39 14.79
N PRO B 205 -6.98 -25.78 13.69
CA PRO B 205 -8.25 -26.50 13.78
C PRO B 205 -8.18 -27.98 14.21
N GLY B 206 -7.02 -28.62 14.08
CA GLY B 206 -6.78 -30.01 14.55
C GLY B 206 -6.05 -30.85 13.51
N PHE B 207 -5.76 -32.11 13.85
CA PHE B 207 -5.21 -33.16 12.96
C PHE B 207 -3.90 -32.70 12.33
N GLY B 208 -3.04 -32.05 13.12
CA GLY B 208 -1.66 -31.68 12.74
C GLY B 208 -1.62 -30.54 11.75
N GLU B 209 -2.72 -29.77 11.61
CA GLU B 209 -2.76 -28.54 10.77
C GLU B 209 -2.09 -27.40 11.56
N ALA B 210 -1.30 -26.59 10.88
CA ALA B 210 -0.59 -25.42 11.44
C ALA B 210 -1.02 -24.18 10.64
N ILE B 211 -1.26 -23.06 11.33
CA ILE B 211 -1.62 -21.78 10.68
C ILE B 211 -0.42 -21.35 9.84
N VAL B 212 -0.66 -20.98 8.57
CA VAL B 212 0.38 -20.43 7.67
C VAL B 212 0.47 -18.93 7.95
N PHE B 213 1.69 -18.45 8.22
CA PHE B 213 2.01 -17.02 8.44
C PHE B 213 2.83 -16.50 7.26
N PHE B 214 2.37 -15.42 6.65
CA PHE B 214 3.07 -14.68 5.58
C PHE B 214 4.00 -13.70 6.29
N MET B 215 5.30 -13.80 5.99
CA MET B 215 6.38 -13.05 6.68
C MET B 215 6.86 -11.93 5.76
N SER B 216 7.13 -10.76 6.35
CA SER B 216 7.79 -9.61 5.70
C SER B 216 8.87 -9.07 6.63
N ASP B 217 9.96 -8.58 6.06
CA ASP B 217 11.01 -7.86 6.80
C ASP B 217 10.48 -6.46 7.15
N PHE B 218 10.79 -5.99 8.35
CA PHE B 218 10.42 -4.66 8.88
C PHE B 218 11.50 -4.23 9.88
N PRO B 219 11.83 -2.93 10.02
CA PRO B 219 12.77 -2.48 11.05
C PRO B 219 12.16 -2.81 12.42
N VAL B 220 12.69 -3.86 13.06
CA VAL B 220 12.34 -4.31 14.44
C VAL B 220 13.66 -4.40 15.20
N VAL B 221 13.77 -3.71 16.34
CA VAL B 221 14.93 -3.84 17.27
C VAL B 221 14.65 -5.02 18.20
N SER B 222 15.56 -6.01 18.22
CA SER B 222 15.52 -7.17 19.14
C SER B 222 14.18 -7.90 19.03
N GLY B 223 13.73 -8.21 17.82
CA GLY B 223 12.50 -9.01 17.62
C GLY B 223 12.75 -10.46 17.96
N VAL B 224 11.75 -11.19 18.46
CA VAL B 224 11.87 -12.64 18.78
C VAL B 224 12.16 -13.43 17.50
N ASN B 225 11.67 -12.96 16.36
CA ASN B 225 11.91 -13.62 15.05
C ASN B 225 12.76 -12.67 14.20
N GLY B 226 13.47 -11.77 14.87
CA GLY B 226 14.31 -10.80 14.17
C GLY B 226 13.53 -9.65 13.56
N MET B 227 13.91 -9.24 12.37
CA MET B 227 13.23 -8.13 11.66
C MET B 227 12.10 -8.70 10.79
N ARG B 228 11.35 -9.66 11.32
CA ARG B 228 10.29 -10.34 10.54
C ARG B 228 8.92 -10.06 11.18
N ILE B 229 7.91 -9.77 10.36
CA ILE B 229 6.53 -9.52 10.85
C ILE B 229 5.57 -10.61 10.29
N PRO B 230 4.82 -11.39 11.12
CA PRO B 230 3.87 -12.35 10.58
C PRO B 230 2.47 -11.74 10.37
N CYS B 231 1.75 -12.25 9.37
CA CYS B 231 0.30 -11.98 9.19
C CYS B 231 -0.35 -13.24 8.64
N THR B 232 -1.68 -13.28 8.60
CA THR B 232 -2.47 -14.47 8.19
C THR B 232 -2.97 -14.34 6.74
N LEU B 233 -2.85 -13.15 6.13
CA LEU B 233 -3.31 -12.93 4.73
C LEU B 233 -2.48 -11.83 4.07
N PRO B 234 -2.11 -12.00 2.78
CA PRO B 234 -1.62 -10.87 1.98
C PRO B 234 -2.72 -9.80 1.90
N GLN B 235 -2.34 -8.52 1.97
CA GLN B 235 -3.29 -7.38 2.00
C GLN B 235 -4.15 -7.43 0.75
N GLU B 236 -3.56 -7.75 -0.40
CA GLU B 236 -4.27 -7.72 -1.71
C GLU B 236 -5.34 -8.81 -1.74
N TYR B 237 -5.20 -9.89 -0.96
CA TYR B 237 -6.27 -10.92 -0.78
C TYR B 237 -7.48 -10.27 -0.07
N VAL B 238 -7.21 -9.40 0.92
CA VAL B 238 -8.28 -8.70 1.70
C VAL B 238 -9.14 -7.90 0.72
N ALA B 239 -8.53 -7.05 -0.10
CA ALA B 239 -9.24 -6.20 -1.09
C ALA B 239 -10.01 -7.09 -2.07
N HIS B 240 -9.45 -8.23 -2.46
CA HIS B 240 -10.07 -9.23 -3.37
C HIS B 240 -11.36 -9.78 -2.76
N PHE B 241 -11.34 -10.19 -1.49
CA PHE B 241 -12.54 -10.80 -0.85
C PHE B 241 -13.62 -9.73 -0.64
N VAL B 242 -13.23 -8.54 -0.18
CA VAL B 242 -14.15 -7.39 0.04
C VAL B 242 -14.80 -7.04 -1.31
N ASN B 243 -14.10 -7.17 -2.42
CA ASN B 243 -14.67 -6.91 -3.77
C ASN B 243 -15.61 -8.05 -4.21
N GLU B 244 -15.12 -9.28 -4.26
CA GLU B 244 -15.91 -10.41 -4.81
C GLU B 244 -17.13 -10.74 -3.95
N GLN B 245 -16.97 -10.75 -2.63
CA GLN B 245 -18.08 -11.13 -1.72
C GLN B 245 -18.63 -12.49 -2.17
N ALA B 246 -17.75 -13.42 -2.49
CA ALA B 246 -18.16 -14.76 -2.94
C ALA B 246 -18.74 -15.51 -1.75
N PRO B 247 -19.94 -16.08 -1.89
CA PRO B 247 -20.51 -16.86 -0.84
C PRO B 247 -19.65 -18.07 -0.41
N THR B 248 -19.47 -18.23 0.89
CA THR B 248 -18.74 -19.40 1.44
C THR B 248 -19.66 -20.62 1.29
N ARG B 249 -19.28 -21.61 0.47
CA ARG B 249 -20.14 -22.77 0.11
C ARG B 249 -19.62 -24.06 0.76
N GLY B 250 -18.71 -23.95 1.73
CA GLY B 250 -18.08 -25.12 2.39
C GLY B 250 -17.35 -24.75 3.65
N GLU B 251 -16.83 -25.75 4.36
CA GLU B 251 -16.17 -25.58 5.68
C GLU B 251 -14.73 -25.08 5.45
N ALA B 252 -14.14 -25.36 4.29
CA ALA B 252 -12.79 -24.91 3.91
C ALA B 252 -12.66 -24.85 2.39
N ALA B 253 -11.84 -23.90 1.91
CA ALA B 253 -11.41 -23.80 0.50
C ALA B 253 -10.08 -24.50 0.35
N LEU B 254 -10.06 -25.58 -0.43
CA LEU B 254 -8.81 -26.29 -0.77
C LEU B 254 -8.09 -25.44 -1.83
N LEU B 255 -6.83 -25.07 -1.55
CA LEU B 255 -5.95 -24.33 -2.50
C LEU B 255 -4.78 -25.23 -2.90
N HIS B 256 -4.34 -25.09 -4.14
CA HIS B 256 -2.99 -25.49 -4.60
C HIS B 256 -2.11 -24.24 -4.62
N TYR B 257 -0.88 -24.37 -4.15
CA TYR B 257 0.21 -23.40 -4.37
C TYR B 257 0.98 -23.86 -5.60
N VAL B 258 0.90 -23.11 -6.71
CA VAL B 258 1.39 -23.59 -8.03
C VAL B 258 2.49 -22.64 -8.54
N ASP B 259 3.51 -23.23 -9.18
CA ASP B 259 4.54 -22.53 -9.96
C ASP B 259 3.84 -21.87 -11.15
N PRO B 260 3.91 -20.53 -11.29
CA PRO B 260 3.16 -19.84 -12.35
C PRO B 260 3.68 -20.14 -13.77
N ASP B 261 4.94 -20.56 -13.89
CA ASP B 261 5.59 -20.87 -15.21
C ASP B 261 5.18 -22.27 -15.67
N THR B 262 5.37 -23.29 -14.82
CA THR B 262 5.18 -24.72 -15.12
C THR B 262 3.76 -25.21 -14.83
N HIS B 263 3.06 -24.61 -13.85
CA HIS B 263 1.67 -24.97 -13.43
C HIS B 263 1.75 -26.27 -12.60
N ARG B 264 2.85 -26.46 -11.85
CA ARG B 264 3.09 -27.68 -11.05
C ARG B 264 2.54 -27.34 -9.65
N ASN B 265 1.78 -28.27 -9.07
CA ASN B 265 1.19 -28.18 -7.71
C ASN B 265 2.32 -28.41 -6.69
N LEU B 266 2.75 -27.35 -6.00
CA LEU B 266 3.88 -27.38 -5.03
C LEU B 266 3.39 -27.78 -3.64
N GLY B 267 2.07 -27.88 -3.43
CA GLY B 267 1.49 -28.22 -2.12
C GLY B 267 0.04 -27.81 -1.98
N GLU B 268 -0.70 -28.44 -1.06
CA GLU B 268 -2.11 -28.11 -0.83
C GLU B 268 -2.27 -27.51 0.57
N PHE B 269 -3.25 -26.62 0.67
CA PHE B 269 -3.54 -25.74 1.83
C PHE B 269 -5.05 -25.64 1.97
N LYS B 270 -5.50 -25.38 3.19
CA LYS B 270 -6.92 -25.07 3.49
C LYS B 270 -7.01 -23.60 3.89
N MET B 271 -7.98 -22.91 3.32
CA MET B 271 -8.38 -21.55 3.72
C MET B 271 -9.76 -21.68 4.39
N TYR B 272 -9.87 -21.22 5.63
CA TYR B 272 -11.10 -21.30 6.44
C TYR B 272 -11.92 -20.01 6.26
N PRO B 273 -13.26 -20.09 6.45
CA PRO B 273 -14.14 -18.93 6.26
C PRO B 273 -13.70 -17.70 7.07
N GLU B 274 -13.00 -17.92 8.19
CA GLU B 274 -12.54 -16.88 9.13
C GLU B 274 -11.39 -16.06 8.50
N GLY B 275 -10.84 -16.53 7.37
CA GLY B 275 -9.92 -15.76 6.50
C GLY B 275 -8.45 -16.03 6.83
N PHE B 276 -8.14 -17.27 7.23
CA PHE B 276 -6.75 -17.73 7.48
C PHE B 276 -6.55 -19.06 6.76
N MET B 277 -5.29 -19.44 6.64
CA MET B 277 -4.82 -20.61 5.86
C MET B 277 -4.09 -21.57 6.81
N THR B 278 -4.20 -22.87 6.56
CA THR B 278 -3.41 -23.93 7.25
C THR B 278 -2.79 -24.86 6.22
N CYS B 279 -1.70 -25.51 6.63
CA CYS B 279 -1.08 -26.68 5.94
C CYS B 279 -0.85 -27.77 6.98
N VAL B 280 -0.43 -28.96 6.53
CA VAL B 280 0.13 -30.02 7.41
C VAL B 280 1.60 -30.16 7.06
N PRO B 281 2.53 -29.90 8.02
CA PRO B 281 3.96 -30.06 7.77
C PRO B 281 4.32 -31.53 7.66
N ASN B 282 5.37 -31.83 6.90
CA ASN B 282 5.90 -33.20 6.68
C ASN B 282 6.68 -33.60 7.93
N SER B 283 6.16 -34.55 8.71
CA SER B 283 6.84 -35.22 9.86
C SER B 283 7.74 -34.31 10.70
N SER B 284 7.19 -33.24 11.27
CA SER B 284 7.88 -32.34 12.22
C SER B 284 8.80 -31.41 11.41
N GLY B 285 8.45 -31.09 10.16
CA GLY B 285 9.28 -30.28 9.25
C GLY B 285 8.84 -28.82 9.34
N SER B 286 9.42 -27.98 8.46
CA SER B 286 9.25 -26.51 8.42
C SER B 286 8.02 -26.12 7.58
N GLY B 287 7.33 -27.10 7.00
CA GLY B 287 6.12 -26.89 6.19
C GLY B 287 6.39 -26.03 4.98
N PRO B 288 5.69 -24.87 4.83
CA PRO B 288 5.78 -24.08 3.61
C PRO B 288 7.07 -23.24 3.49
N GLN B 289 7.89 -23.23 4.54
CA GLN B 289 9.10 -22.38 4.64
C GLN B 289 10.10 -22.69 3.51
N THR B 290 10.15 -23.93 2.99
CA THR B 290 11.13 -24.33 1.95
C THR B 290 10.54 -24.14 0.55
N LEU B 291 9.25 -23.83 0.42
CA LEU B 291 8.60 -23.60 -0.90
C LEU B 291 9.14 -22.31 -1.49
N PRO B 292 9.19 -22.17 -2.83
CA PRO B 292 9.54 -20.89 -3.45
C PRO B 292 8.45 -19.87 -3.11
N ILE B 293 8.78 -18.57 -3.09
CA ILE B 293 7.86 -17.48 -2.64
C ILE B 293 7.26 -16.77 -3.85
N ASN B 294 7.55 -17.23 -5.08
CA ASN B 294 7.05 -16.63 -6.35
C ASN B 294 5.89 -17.46 -6.89
N GLY B 295 5.28 -18.30 -6.05
CA GLY B 295 4.14 -19.15 -6.44
C GLY B 295 2.83 -18.40 -6.34
N VAL B 296 1.76 -18.99 -6.90
CA VAL B 296 0.38 -18.42 -6.82
C VAL B 296 -0.51 -19.47 -6.15
N PHE B 297 -1.37 -19.03 -5.23
CA PHE B 297 -2.45 -19.88 -4.68
C PHE B 297 -3.60 -19.86 -5.68
N THR B 298 -4.27 -20.99 -5.83
CA THR B 298 -5.40 -21.21 -6.75
C THR B 298 -6.47 -21.99 -6.01
N PHE B 299 -7.72 -21.53 -6.06
CA PHE B 299 -8.89 -22.23 -5.50
C PHE B 299 -9.11 -23.53 -6.30
N VAL B 300 -9.23 -24.67 -5.61
CA VAL B 300 -9.54 -25.99 -6.22
C VAL B 300 -11.01 -26.31 -5.99
N SER B 301 -11.44 -26.35 -4.72
CA SER B 301 -12.82 -26.74 -4.35
C SER B 301 -13.09 -26.47 -2.87
N TRP B 302 -14.37 -26.45 -2.53
CA TRP B 302 -14.89 -26.49 -1.14
C TRP B 302 -14.76 -27.92 -0.62
N VAL B 303 -14.18 -28.08 0.56
CA VAL B 303 -13.99 -29.41 1.21
C VAL B 303 -14.52 -29.32 2.64
N SER B 304 -14.85 -30.46 3.22
CA SER B 304 -15.39 -30.59 4.59
C SER B 304 -14.26 -30.42 5.60
N ARG B 305 -14.62 -30.27 6.87
CA ARG B 305 -13.68 -30.29 8.02
C ARG B 305 -12.90 -31.62 8.03
N PHE B 306 -13.48 -32.70 7.49
CA PHE B 306 -12.88 -34.07 7.48
C PHE B 306 -11.72 -34.16 6.48
N TYR B 307 -11.62 -33.25 5.50
CA TYR B 307 -10.60 -33.35 4.43
C TYR B 307 -9.21 -33.27 5.07
N GLN B 308 -8.32 -34.22 4.73
CA GLN B 308 -6.95 -34.32 5.30
C GLN B 308 -5.96 -33.92 4.22
N LEU B 309 -5.15 -32.90 4.50
CA LEU B 309 -4.15 -32.32 3.55
C LEU B 309 -2.95 -33.27 3.38
N LYS B 310 -2.51 -33.45 2.14
CA LYS B 310 -1.19 -34.04 1.84
C LYS B 310 -0.14 -33.15 2.51
N PRO B 311 0.73 -33.72 3.37
CA PRO B 311 1.78 -32.93 4.01
C PRO B 311 2.59 -32.11 3.01
N VAL B 312 3.02 -30.90 3.41
CA VAL B 312 3.78 -29.97 2.54
C VAL B 312 5.21 -29.78 3.08
N GLY B 313 6.17 -29.68 2.17
CA GLY B 313 7.58 -29.37 2.48
C GLY B 313 8.40 -30.61 2.77
N THR B 314 9.51 -30.43 3.49
CA THR B 314 10.55 -31.46 3.76
C THR B 314 10.45 -31.90 5.22
N ALA B 315 11.10 -33.02 5.57
CA ALA B 315 10.96 -33.73 6.86
C ALA B 315 11.68 -32.95 7.98
#